data_8ZNU
#
_entry.id   8ZNU
#
_cell.length_a   80.760
_cell.length_b   80.760
_cell.length_c   158.590
_cell.angle_alpha   90.000
_cell.angle_beta   90.000
_cell.angle_gamma   120.000
#
_symmetry.space_group_name_H-M   'P 63 2 2'
#
loop_
_entity.id
_entity.type
_entity.pdbx_description
1 polymer 'catalytic antibody T99_C220A_dPro95'
2 non-polymer 'CACODYLIC ACID'
3 non-polymer 1,2-ETHANEDIOL
4 non-polymer DI(HYDROXYETHYL)ETHER
5 non-polymer 'TRIETHYLENE GLYCOL'
6 water water
#
_entity_poly.entity_id   1
_entity_poly.type   'polypeptide(L)'
_entity_poly.pdbx_seq_one_letter_code
;MDIVMTQTPVSLAVTPGQSASISCRSSQSLLHGDGRSYLYWYVQRPGQSPQLLMYEASTRVSGVPDRFTGSGSGTDFTLK
ISRVEAEDVGVYYCMQGTHWGTFGPGTKVDIKRTVAAPSVFIFPPSDEQLKSGTASVVCLLNNFYPREAKVQWKVDNALQ
SGNSQESVTEQDSKDSTYSLSSTLTLSKADYEKHKVYACEVTHQGLSSPVTKSFNRGEALEVLFQ
;
_entity_poly.pdbx_strand_id   A
#
loop_
_chem_comp.id
_chem_comp.type
_chem_comp.name
_chem_comp.formula
CAD non-polymer 'CACODYLIC ACID' 'C2 H7 As O2'
EDO non-polymer 1,2-ETHANEDIOL 'C2 H6 O2'
PEG non-polymer DI(HYDROXYETHYL)ETHER 'C4 H10 O3'
PGE non-polymer 'TRIETHYLENE GLYCOL' 'C6 H14 O4'
#
# COMPACT_ATOMS: atom_id res chain seq x y z
N MET A 1 -37.92 4.65 24.19
CA MET A 1 -37.96 4.41 22.75
C MET A 1 -36.62 3.91 22.25
N ASP A 2 -36.65 2.87 21.42
CA ASP A 2 -35.42 2.30 20.89
C ASP A 2 -34.68 3.28 19.99
N ILE A 3 -33.37 3.09 19.89
CA ILE A 3 -32.49 4.03 19.19
C ILE A 3 -32.16 3.48 17.81
N VAL A 4 -32.16 4.38 16.83
CA VAL A 4 -31.76 4.06 15.46
C VAL A 4 -30.44 4.76 15.18
N MET A 5 -29.49 4.02 14.63
CA MET A 5 -28.16 4.53 14.33
C MET A 5 -27.98 4.70 12.83
N THR A 6 -27.35 5.80 12.43
CA THR A 6 -27.03 6.09 11.05
C THR A 6 -25.59 6.57 10.95
N GLN A 7 -24.96 6.30 9.81
CA GLN A 7 -23.56 6.65 9.58
C GLN A 7 -23.40 7.29 8.20
N THR A 8 -22.43 8.19 8.10
CA THR A 8 -22.05 8.85 6.86
C THR A 8 -20.54 9.02 6.84
N PRO A 9 -19.90 8.89 5.66
CA PRO A 9 -20.54 8.51 4.39
C PRO A 9 -20.70 7.00 4.30
N VAL A 10 -21.33 6.51 3.23
CA VAL A 10 -21.46 5.07 3.06
C VAL A 10 -20.10 4.45 2.75
N SER A 11 -19.20 5.22 2.15
CA SER A 11 -17.87 4.73 1.82
C SER A 11 -16.97 5.92 1.49
N LEU A 12 -15.67 5.73 1.70
CA LEU A 12 -14.69 6.72 1.32
C LEU A 12 -13.40 6.02 0.90
N ALA A 13 -12.73 6.60 -0.08
CA ALA A 13 -11.47 6.08 -0.59
C ALA A 13 -10.38 7.11 -0.34
N VAL A 14 -9.31 6.68 0.34
CA VAL A 14 -8.18 7.56 0.65
C VAL A 14 -6.89 6.82 0.35
N THR A 15 -5.82 7.59 0.17
CA THR A 15 -4.44 7.20 -0.01
C THR A 15 -3.75 7.03 1.35
N PRO A 16 -2.95 5.99 1.53
CA PRO A 16 -2.20 5.85 2.79
C PRO A 16 -1.38 7.10 3.09
N GLY A 17 -1.55 7.62 4.30
CA GLY A 17 -0.93 8.86 4.72
C GLY A 17 -1.90 10.01 4.89
N GLN A 18 -3.08 9.93 4.27
CA GLN A 18 -4.08 10.96 4.43
C GLN A 18 -4.75 10.83 5.80
N SER A 19 -5.63 11.79 6.10
CA SER A 19 -6.47 11.74 7.28
C SER A 19 -7.91 11.49 6.86
N ALA A 20 -8.72 11.05 7.82
CA ALA A 20 -10.12 10.75 7.56
C ALA A 20 -10.92 10.92 8.84
N SER A 21 -12.23 11.08 8.67
CA SER A 21 -13.14 11.20 9.81
C SER A 21 -14.54 10.85 9.34
N ILE A 22 -15.11 9.81 9.93
CA ILE A 22 -16.46 9.36 9.59
C ILE A 22 -17.41 9.76 10.72
N SER A 23 -18.70 9.79 10.40
N SER A 23 -18.69 9.80 10.40
CA SER A 23 -19.72 10.28 11.31
CA SER A 23 -19.71 10.29 11.32
C SER A 23 -20.69 9.18 11.68
C SER A 23 -20.71 9.20 11.68
N CYS A 24 -21.24 9.29 12.90
CA CYS A 24 -22.28 8.41 13.39
C CYS A 24 -23.33 9.26 14.08
N ARG A 25 -24.60 8.89 13.92
CA ARG A 25 -25.69 9.65 14.49
C ARG A 25 -26.68 8.70 15.15
N SER A 26 -27.18 9.10 16.32
CA SER A 26 -28.19 8.34 17.05
C SER A 26 -29.50 9.09 17.04
N SER A 27 -30.61 8.36 16.93
CA SER A 27 -31.93 8.98 16.92
C SER A 27 -32.31 9.56 18.28
N GLN A 28 -31.73 9.03 19.36
CA GLN A 28 -31.92 9.58 20.69
C GLN A 28 -30.55 9.85 21.30
N SER A 29 -30.52 10.74 22.30
CA SER A 29 -29.27 11.09 22.94
C SER A 29 -28.69 9.91 23.71
N LEU A 30 -27.40 9.69 23.55
CA LEU A 30 -26.68 8.63 24.27
C LEU A 30 -26.05 9.13 25.55
N LEU A 31 -26.29 10.39 25.92
CA LEU A 31 -25.67 10.98 27.11
C LEU A 31 -26.35 10.44 28.36
N HIS A 32 -25.55 9.94 29.30
CA HIS A 32 -26.05 9.43 30.56
C HIS A 32 -25.79 10.44 31.68
N GLY A 33 -26.22 10.09 32.89
CA GLY A 33 -26.10 11.01 34.01
C GLY A 33 -24.67 11.30 34.42
N ASP A 34 -23.76 10.36 34.17
CA ASP A 34 -22.37 10.54 34.52
C ASP A 34 -21.61 11.45 33.56
N GLY A 35 -22.30 12.05 32.58
CA GLY A 35 -21.65 12.88 31.60
C GLY A 35 -21.04 12.14 30.42
N ARG A 36 -21.07 10.81 30.43
CA ARG A 36 -20.50 10.00 29.37
C ARG A 36 -21.60 9.59 28.39
N SER A 37 -21.24 9.51 27.11
CA SER A 37 -22.13 9.03 26.06
C SER A 37 -21.67 7.64 25.64
N TYR A 38 -22.56 6.66 25.76
CA TYR A 38 -22.19 5.25 25.58
C TYR A 38 -22.29 4.89 24.10
N LEU A 39 -21.20 5.11 23.38
CA LEU A 39 -21.12 4.85 21.95
C LEU A 39 -19.88 4.02 21.68
N TYR A 40 -20.06 2.94 20.90
CA TYR A 40 -18.96 2.06 20.54
C TYR A 40 -18.61 2.22 19.07
N TRP A 41 -17.33 2.03 18.77
CA TRP A 41 -16.84 1.99 17.39
C TRP A 41 -16.21 0.63 17.13
N TYR A 42 -16.67 -0.05 16.09
CA TYR A 42 -16.15 -1.35 15.70
C TYR A 42 -15.60 -1.26 14.28
N VAL A 43 -14.67 -2.17 13.97
CA VAL A 43 -14.16 -2.35 12.63
C VAL A 43 -14.23 -3.83 12.29
N GLN A 44 -14.68 -4.13 11.08
CA GLN A 44 -14.74 -5.50 10.57
C GLN A 44 -13.86 -5.57 9.32
N ARG A 45 -12.64 -6.04 9.50
CA ARG A 45 -11.72 -6.23 8.38
C ARG A 45 -12.11 -7.47 7.59
N PRO A 46 -11.69 -7.57 6.32
CA PRO A 46 -12.11 -8.70 5.48
C PRO A 46 -11.80 -10.07 6.09
N GLY A 47 -12.84 -10.89 6.22
CA GLY A 47 -12.71 -12.23 6.73
C GLY A 47 -12.64 -12.37 8.23
N GLN A 48 -12.42 -11.28 8.96
CA GLN A 48 -12.25 -11.33 10.41
C GLN A 48 -13.55 -10.98 11.13
N SER A 49 -13.56 -11.24 12.44
CA SER A 49 -14.65 -10.85 13.30
C SER A 49 -14.47 -9.39 13.74
N PRO A 50 -15.57 -8.70 14.08
CA PRO A 50 -15.46 -7.29 14.47
C PRO A 50 -14.51 -7.09 15.64
N GLN A 51 -13.86 -5.93 15.63
CA GLN A 51 -12.90 -5.55 16.67
C GLN A 51 -13.33 -4.22 17.27
N LEU A 52 -13.39 -4.16 18.60
CA LEU A 52 -13.77 -2.94 19.29
C LEU A 52 -12.62 -1.94 19.25
N LEU A 53 -12.92 -0.71 18.83
CA LEU A 53 -11.94 0.36 18.76
C LEU A 53 -12.17 1.45 19.79
N MET A 54 -13.42 1.84 20.01
CA MET A 54 -13.75 2.93 20.93
C MET A 54 -14.91 2.52 21.82
N TYR A 55 -14.90 3.04 23.04
CA TYR A 55 -16.06 2.97 23.92
C TYR A 55 -16.17 4.28 24.67
N GLU A 56 -17.39 4.57 25.14
CA GLU A 56 -17.72 5.87 25.73
C GLU A 56 -17.34 7.00 24.76
N ALA A 57 -17.59 6.76 23.48
CA ALA A 57 -17.39 7.73 22.40
C ALA A 57 -15.92 8.07 22.14
N SER A 58 -15.15 8.35 23.19
CA SER A 58 -13.83 8.96 23.01
C SER A 58 -12.69 8.19 23.67
N THR A 59 -12.92 7.00 24.19
CA THR A 59 -11.87 6.22 24.84
C THR A 59 -11.44 5.09 23.91
N ARG A 60 -10.19 5.13 23.47
CA ARG A 60 -9.65 4.09 22.61
C ARG A 60 -9.32 2.85 23.42
N VAL A 61 -9.54 1.68 22.81
CA VAL A 61 -9.23 0.42 23.47
C VAL A 61 -7.73 0.21 23.50
N SER A 62 -7.24 -0.38 24.59
CA SER A 62 -5.82 -0.70 24.69
C SER A 62 -5.41 -1.64 23.58
N GLY A 63 -4.27 -1.35 22.95
CA GLY A 63 -3.77 -2.13 21.82
C GLY A 63 -4.15 -1.57 20.47
N VAL A 64 -5.18 -0.74 20.40
CA VAL A 64 -5.58 -0.12 19.13
C VAL A 64 -4.58 0.96 18.76
N PRO A 65 -4.18 1.08 17.50
CA PRO A 65 -3.21 2.12 17.13
C PRO A 65 -3.68 3.51 17.51
N ASP A 66 -2.73 4.36 17.93
CA ASP A 66 -3.06 5.71 18.38
C ASP A 66 -3.54 6.62 17.26
N ARG A 67 -3.52 6.15 16.01
CA ARG A 67 -4.08 6.94 14.92
C ARG A 67 -5.59 7.10 15.04
N PHE A 68 -6.24 6.25 15.83
CA PHE A 68 -7.69 6.32 16.01
C PHE A 68 -8.03 7.13 17.25
N THR A 69 -8.88 8.14 17.07
CA THR A 69 -9.44 8.90 18.18
C THR A 69 -10.94 9.08 17.94
N GLY A 70 -11.66 9.34 19.02
CA GLY A 70 -13.10 9.51 18.94
C GLY A 70 -13.54 10.77 19.64
N SER A 71 -14.67 11.31 19.19
N SER A 71 -14.67 11.31 19.19
CA SER A 71 -15.23 12.52 19.76
CA SER A 71 -15.22 12.53 19.75
C SER A 71 -16.73 12.53 19.54
C SER A 71 -16.72 12.54 19.52
N GLY A 72 -17.41 13.44 20.24
CA GLY A 72 -18.84 13.57 20.12
C GLY A 72 -19.58 13.36 21.42
N SER A 73 -20.80 13.88 21.49
CA SER A 73 -21.65 13.72 22.66
C SER A 73 -23.10 13.78 22.22
N GLY A 74 -23.97 13.16 23.01
CA GLY A 74 -25.39 13.18 22.72
C GLY A 74 -25.80 12.34 21.53
N THR A 75 -25.96 12.97 20.36
CA THR A 75 -26.47 12.29 19.18
C THR A 75 -25.52 12.27 17.99
N ASP A 76 -24.40 12.98 18.06
CA ASP A 76 -23.49 13.10 16.93
C ASP A 76 -22.08 12.75 17.36
N PHE A 77 -21.44 11.83 16.65
CA PHE A 77 -20.13 11.33 17.01
C PHE A 77 -19.27 11.17 15.76
N THR A 78 -17.96 11.20 15.96
CA THR A 78 -17.01 11.04 14.87
C THR A 78 -15.89 10.11 15.29
N LEU A 79 -15.42 9.29 14.34
CA LEU A 79 -14.21 8.51 14.49
C LEU A 79 -13.14 9.12 13.59
N LYS A 80 -11.99 9.44 14.17
CA LYS A 80 -10.94 10.17 13.48
C LYS A 80 -9.72 9.29 13.29
N ILE A 81 -9.18 9.29 12.07
CA ILE A 81 -7.94 8.60 11.74
C ILE A 81 -6.95 9.66 11.29
N SER A 82 -5.95 9.94 12.13
CA SER A 82 -4.99 11.00 11.82
C SER A 82 -4.10 10.63 10.64
N ARG A 83 -3.85 9.34 10.43
CA ARG A 83 -3.02 8.89 9.31
C ARG A 83 -3.53 7.52 8.88
N VAL A 84 -4.19 7.46 7.73
CA VAL A 84 -4.72 6.19 7.23
C VAL A 84 -3.57 5.32 6.77
N GLU A 85 -3.58 4.06 7.20
CA GLU A 85 -2.59 3.07 6.79
C GLU A 85 -3.26 1.94 6.03
N ALA A 86 -2.43 1.15 5.33
CA ALA A 86 -2.95 0.13 4.43
C ALA A 86 -3.81 -0.90 5.17
N GLU A 87 -3.50 -1.17 6.43
CA GLU A 87 -4.20 -2.18 7.20
C GLU A 87 -5.50 -1.67 7.81
N ASP A 88 -5.93 -0.46 7.45
CA ASP A 88 -7.17 0.11 7.95
C ASP A 88 -8.37 -0.20 7.07
N VAL A 89 -8.19 -1.04 6.04
CA VAL A 89 -9.29 -1.38 5.15
C VAL A 89 -10.33 -2.19 5.93
N GLY A 90 -11.59 -1.84 5.75
CA GLY A 90 -12.66 -2.55 6.41
C GLY A 90 -13.88 -1.67 6.54
N VAL A 91 -14.93 -2.26 7.11
CA VAL A 91 -16.17 -1.56 7.39
C VAL A 91 -16.16 -1.13 8.84
N TYR A 92 -16.51 0.13 9.09
CA TYR A 92 -16.51 0.70 10.42
C TYR A 92 -17.96 0.93 10.86
N TYR A 93 -18.36 0.28 11.94
CA TYR A 93 -19.70 0.38 12.48
C TYR A 93 -19.67 1.12 13.81
N CYS A 94 -20.72 1.88 14.09
CA CYS A 94 -20.95 2.38 15.43
C CYS A 94 -22.10 1.61 16.07
N MET A 95 -22.18 1.68 17.39
CA MET A 95 -23.13 0.88 18.16
C MET A 95 -23.37 1.58 19.48
N GLN A 96 -24.63 1.84 19.81
CA GLN A 96 -24.96 2.49 21.06
C GLN A 96 -25.02 1.48 22.19
N GLY A 97 -24.78 1.96 23.41
CA GLY A 97 -24.76 1.12 24.59
C GLY A 97 -25.92 1.27 25.53
N THR A 98 -26.95 2.05 25.17
CA THR A 98 -28.11 2.20 26.05
C THR A 98 -28.95 0.93 26.10
N HIS A 99 -29.08 0.26 24.96
CA HIS A 99 -29.79 -1.02 24.90
C HIS A 99 -29.22 -1.85 23.76
N TRP A 100 -29.42 -3.16 23.86
CA TRP A 100 -28.90 -4.08 22.84
C TRP A 100 -29.57 -3.82 21.50
N GLY A 101 -28.76 -3.60 20.47
CA GLY A 101 -29.27 -3.37 19.14
C GLY A 101 -28.28 -3.75 18.05
N THR A 102 -28.62 -3.43 16.81
CA THR A 102 -27.77 -3.73 15.67
C THR A 102 -26.73 -2.62 15.48
N PHE A 103 -25.65 -2.96 14.77
CA PHE A 103 -24.71 -1.95 14.32
C PHE A 103 -25.41 -0.88 13.50
N GLY A 104 -24.72 0.24 13.29
CA GLY A 104 -25.13 1.18 12.29
C GLY A 104 -24.96 0.60 10.90
N PRO A 105 -25.36 1.37 9.89
CA PRO A 105 -25.21 0.88 8.50
C PRO A 105 -23.78 0.63 8.10
N GLY A 106 -22.82 1.26 8.77
CA GLY A 106 -21.42 1.02 8.49
C GLY A 106 -20.87 1.95 7.43
N THR A 107 -19.56 2.19 7.52
CA THR A 107 -18.82 2.97 6.54
C THR A 107 -17.65 2.15 6.06
N LYS A 108 -17.65 1.80 4.77
CA LYS A 108 -16.57 1.02 4.19
C LYS A 108 -15.42 1.95 3.82
N VAL A 109 -14.26 1.72 4.42
CA VAL A 109 -13.07 2.52 4.16
C VAL A 109 -12.23 1.76 3.14
N ASP A 110 -12.21 2.26 1.90
CA ASP A 110 -11.35 1.72 0.87
C ASP A 110 -10.03 2.48 0.84
N ILE A 111 -9.05 1.92 0.14
CA ILE A 111 -7.72 2.52 0.03
C ILE A 111 -7.33 2.53 -1.43
N LYS A 112 -7.04 3.73 -1.94
CA LYS A 112 -6.71 3.90 -3.35
C LYS A 112 -5.30 3.39 -3.63
N ARG A 113 -5.15 2.63 -4.72
CA ARG A 113 -3.84 2.20 -5.19
C ARG A 113 -3.28 3.29 -6.09
N THR A 114 -2.32 4.06 -5.58
CA THR A 114 -1.74 5.16 -6.32
C THR A 114 -0.60 4.67 -7.21
N VAL A 115 -0.21 5.53 -8.15
CA VAL A 115 0.92 5.22 -9.01
C VAL A 115 2.20 5.20 -8.18
N ALA A 116 2.93 4.10 -8.25
CA ALA A 116 4.16 3.91 -7.48
C ALA A 116 5.29 3.63 -8.44
N ALA A 117 6.27 4.53 -8.49
CA ALA A 117 7.44 4.32 -9.32
C ALA A 117 8.28 3.18 -8.78
N PRO A 118 8.92 2.40 -9.65
CA PRO A 118 9.78 1.31 -9.17
C PRO A 118 11.14 1.81 -8.73
N SER A 119 11.71 1.09 -7.76
N SER A 119 11.72 1.07 -7.78
CA SER A 119 13.10 1.28 -7.37
CA SER A 119 13.10 1.30 -7.37
C SER A 119 13.96 0.36 -8.23
C SER A 119 13.99 0.37 -8.20
N VAL A 120 14.79 0.95 -9.07
CA VAL A 120 15.57 0.22 -10.06
C VAL A 120 16.99 0.01 -9.55
N PHE A 121 17.49 -1.21 -9.70
CA PHE A 121 18.87 -1.56 -9.34
C PHE A 121 19.39 -2.58 -10.33
N ILE A 122 20.70 -2.50 -10.60
CA ILE A 122 21.35 -3.39 -11.55
C ILE A 122 22.34 -4.28 -10.80
N PHE A 123 22.50 -5.51 -11.29
CA PHE A 123 23.33 -6.52 -10.63
C PHE A 123 24.27 -7.14 -11.64
N PRO A 124 25.58 -7.00 -11.48
CA PRO A 124 26.53 -7.74 -12.32
C PRO A 124 26.41 -9.23 -12.08
N PRO A 125 26.87 -10.07 -13.00
CA PRO A 125 26.81 -11.52 -12.79
C PRO A 125 27.84 -11.98 -11.77
N SER A 126 27.55 -13.12 -11.16
CA SER A 126 28.48 -13.71 -10.21
C SER A 126 29.59 -14.47 -10.94
N ASP A 127 30.73 -14.60 -10.26
CA ASP A 127 31.83 -15.38 -10.83
C ASP A 127 31.46 -16.84 -10.98
N GLU A 128 30.55 -17.34 -10.14
CA GLU A 128 30.14 -18.73 -10.22
C GLU A 128 29.40 -19.02 -11.54
N GLN A 129 28.56 -18.08 -11.98
CA GLN A 129 27.88 -18.27 -13.25
C GLN A 129 28.82 -18.05 -14.42
N LEU A 130 29.74 -17.08 -14.30
CA LEU A 130 30.74 -16.86 -15.35
C LEU A 130 31.59 -18.11 -15.58
N LYS A 131 31.78 -18.93 -14.54
CA LYS A 131 32.52 -20.17 -14.71
C LYS A 131 31.79 -21.14 -15.63
N SER A 132 30.46 -21.10 -15.63
CA SER A 132 29.68 -21.96 -16.51
C SER A 132 29.67 -21.47 -17.96
N GLY A 133 30.30 -20.34 -18.25
CA GLY A 133 30.36 -19.82 -19.60
C GLY A 133 29.25 -18.88 -19.98
N THR A 134 28.35 -18.56 -19.05
CA THR A 134 27.21 -17.69 -19.32
C THR A 134 27.21 -16.53 -18.34
N ALA A 135 26.86 -15.35 -18.82
CA ALA A 135 26.78 -14.15 -17.99
C ALA A 135 25.36 -13.61 -18.05
N SER A 136 24.76 -13.42 -16.88
CA SER A 136 23.40 -12.89 -16.76
C SER A 136 23.45 -11.61 -15.93
N VAL A 137 23.10 -10.49 -16.56
CA VAL A 137 23.01 -9.21 -15.89
C VAL A 137 21.54 -8.94 -15.58
N VAL A 138 21.25 -8.52 -14.35
CA VAL A 138 19.88 -8.42 -13.85
C VAL A 138 19.60 -6.96 -13.52
N CYS A 139 18.43 -6.48 -13.99
CA CYS A 139 17.87 -5.20 -13.60
C CYS A 139 16.58 -5.46 -12.83
N LEU A 140 16.53 -5.02 -11.57
CA LEU A 140 15.40 -5.29 -10.69
C LEU A 140 14.51 -4.06 -10.58
N LEU A 141 13.19 -4.29 -10.70
CA LEU A 141 12.18 -3.25 -10.53
C LEU A 141 11.31 -3.67 -9.34
N ASN A 142 11.45 -2.98 -8.22
CA ASN A 142 10.82 -3.39 -6.97
C ASN A 142 9.55 -2.60 -6.72
N ASN A 143 8.44 -3.32 -6.54
CA ASN A 143 7.20 -2.77 -5.99
C ASN A 143 6.72 -1.52 -6.71
N PHE A 144 6.11 -1.70 -7.89
CA PHE A 144 5.64 -0.58 -8.68
C PHE A 144 4.19 -0.80 -9.09
N TYR A 145 3.55 0.29 -9.50
CA TYR A 145 2.18 0.26 -10.03
C TYR A 145 2.00 1.46 -10.94
N PRO A 146 1.35 1.31 -12.10
CA PRO A 146 0.75 0.07 -12.59
C PRO A 146 1.75 -0.91 -13.22
N ARG A 147 1.22 -1.95 -13.87
CA ARG A 147 2.05 -3.03 -14.37
C ARG A 147 2.94 -2.59 -15.54
N GLU A 148 2.47 -1.67 -16.37
CA GLU A 148 3.18 -1.31 -17.59
C GLU A 148 4.53 -0.70 -17.28
N ALA A 149 5.60 -1.33 -17.78
CA ALA A 149 6.95 -0.83 -17.59
C ALA A 149 7.82 -1.34 -18.74
N LYS A 150 8.73 -0.50 -19.20
CA LYS A 150 9.64 -0.82 -20.30
C LYS A 150 11.06 -0.83 -19.78
N VAL A 151 11.80 -1.88 -20.09
CA VAL A 151 13.21 -2.02 -19.70
C VAL A 151 14.03 -2.10 -20.97
N GLN A 152 14.88 -1.10 -21.19
CA GLN A 152 15.73 -1.03 -22.38
C GLN A 152 17.18 -1.26 -21.96
N TRP A 153 17.78 -2.32 -22.47
CA TRP A 153 19.16 -2.65 -22.16
C TRP A 153 20.11 -1.96 -23.13
N LYS A 154 21.29 -1.61 -22.62
CA LYS A 154 22.33 -0.98 -23.42
C LYS A 154 23.67 -1.57 -23.02
N VAL A 155 24.41 -2.06 -24.02
CA VAL A 155 25.73 -2.63 -23.82
C VAL A 155 26.73 -1.76 -24.58
N ASP A 156 27.64 -1.12 -23.85
CA ASP A 156 28.54 -0.11 -24.42
C ASP A 156 27.74 0.96 -25.16
N ASN A 157 26.62 1.37 -24.56
CA ASN A 157 25.73 2.41 -25.07
C ASN A 157 25.10 2.02 -26.41
N ALA A 158 25.02 0.73 -26.72
CA ALA A 158 24.34 0.25 -27.90
C ALA A 158 23.00 -0.37 -27.50
N LEU A 159 21.93 0.09 -28.13
CA LEU A 159 20.59 -0.37 -27.78
C LEU A 159 20.46 -1.86 -28.08
N GLN A 160 19.99 -2.61 -27.09
CA GLN A 160 19.87 -4.05 -27.19
C GLN A 160 18.42 -4.48 -27.40
N SER A 161 18.26 -5.66 -28.01
CA SER A 161 16.95 -6.26 -28.20
C SER A 161 17.08 -7.72 -28.60
N GLY A 162 16.37 -8.61 -27.91
CA GLY A 162 16.36 -10.02 -28.23
C GLY A 162 17.19 -10.90 -27.33
N ASN A 163 17.98 -10.32 -26.42
CA ASN A 163 18.82 -11.10 -25.51
C ASN A 163 18.46 -10.86 -24.05
N SER A 164 17.22 -10.45 -23.77
CA SER A 164 16.76 -10.21 -22.42
C SER A 164 15.43 -10.90 -22.19
N GLN A 165 15.19 -11.32 -20.95
CA GLN A 165 13.94 -11.94 -20.54
C GLN A 165 13.42 -11.27 -19.29
N GLU A 166 12.11 -11.09 -19.22
CA GLU A 166 11.45 -10.45 -18.10
C GLU A 166 10.64 -11.47 -17.30
N SER A 167 10.65 -11.31 -15.98
CA SER A 167 9.88 -12.17 -15.08
C SER A 167 9.21 -11.27 -14.06
N VAL A 168 7.88 -11.29 -14.04
CA VAL A 168 7.09 -10.42 -13.18
C VAL A 168 6.38 -11.27 -12.12
N THR A 169 6.28 -10.73 -10.91
CA THR A 169 5.56 -11.40 -9.85
C THR A 169 4.06 -11.20 -10.04
N GLU A 170 3.29 -12.10 -9.43
CA GLU A 170 1.84 -11.93 -9.41
C GLU A 170 1.49 -10.68 -8.62
N GLN A 171 0.33 -10.09 -8.95
CA GLN A 171 -0.10 -8.86 -8.29
C GLN A 171 -0.24 -9.10 -6.79
N ASP A 172 0.42 -8.25 -6.00
CA ASP A 172 0.43 -8.38 -4.55
C ASP A 172 -0.99 -8.29 -3.98
N LYS A 174 -2.20 -7.57 0.42
CA LYS A 174 -2.58 -7.24 -0.94
C LYS A 174 -2.39 -5.75 -1.24
N ASP A 175 -1.18 -5.40 -1.70
CA ASP A 175 -0.84 -4.03 -2.05
C ASP A 175 -1.02 -3.76 -3.53
N SER A 176 -1.31 -4.78 -4.33
CA SER A 176 -1.58 -4.65 -5.76
C SER A 176 -0.38 -4.10 -6.53
N THR A 177 0.82 -4.16 -5.96
CA THR A 177 2.01 -3.74 -6.66
C THR A 177 2.66 -4.95 -7.33
N TYR A 178 3.59 -4.66 -8.24
CA TYR A 178 4.33 -5.67 -8.97
C TYR A 178 5.83 -5.49 -8.76
N SER A 179 6.57 -6.58 -8.88
CA SER A 179 8.02 -6.55 -8.94
C SER A 179 8.47 -7.35 -10.16
N LEU A 180 9.46 -6.82 -10.86
CA LEU A 180 9.88 -7.39 -12.13
C LEU A 180 11.40 -7.49 -12.19
N SER A 181 11.88 -8.56 -12.82
N SER A 181 11.88 -8.55 -12.84
CA SER A 181 13.29 -8.74 -13.09
CA SER A 181 13.31 -8.76 -13.08
C SER A 181 13.50 -8.86 -14.59
C SER A 181 13.55 -8.92 -14.57
N SER A 182 14.52 -8.17 -15.09
CA SER A 182 14.90 -8.25 -16.50
C SER A 182 16.33 -8.74 -16.56
N THR A 183 16.53 -9.90 -17.19
CA THR A 183 17.83 -10.56 -17.21
C THR A 183 18.40 -10.52 -18.61
N LEU A 184 19.55 -9.86 -18.76
CA LEU A 184 20.30 -9.84 -20.02
C LEU A 184 21.32 -10.96 -19.98
N THR A 185 21.23 -11.88 -20.94
CA THR A 185 22.05 -13.09 -20.96
C THR A 185 23.00 -13.04 -22.15
N LEU A 186 24.29 -13.15 -21.88
CA LEU A 186 25.34 -13.21 -22.89
C LEU A 186 26.28 -14.35 -22.56
N SER A 187 27.10 -14.72 -23.53
CA SER A 187 28.18 -15.65 -23.27
C SER A 187 29.26 -14.97 -22.44
N LYS A 188 30.08 -15.79 -21.78
CA LYS A 188 31.17 -15.24 -20.98
C LYS A 188 32.12 -14.42 -21.84
N ALA A 189 32.42 -14.90 -23.05
CA ALA A 189 33.32 -14.19 -23.95
C ALA A 189 32.74 -12.85 -24.37
N ASP A 190 31.45 -12.84 -24.75
CA ASP A 190 30.82 -11.59 -25.17
C ASP A 190 30.65 -10.63 -24.00
N TYR A 191 30.46 -11.14 -22.79
CA TYR A 191 30.33 -10.27 -21.63
C TYR A 191 31.63 -9.53 -21.34
N GLU A 192 32.76 -10.21 -21.44
CA GLU A 192 34.06 -9.60 -21.21
C GLU A 192 34.55 -8.79 -22.41
N LYS A 193 33.79 -8.77 -23.51
CA LYS A 193 34.12 -7.93 -24.65
C LYS A 193 33.65 -6.49 -24.47
N HIS A 194 32.81 -6.21 -23.47
CA HIS A 194 32.22 -4.89 -23.30
C HIS A 194 32.43 -4.41 -21.87
N LYS A 195 32.28 -3.10 -21.70
CA LYS A 195 32.62 -2.43 -20.44
C LYS A 195 31.40 -1.89 -19.70
N VAL A 196 30.51 -1.17 -20.38
CA VAL A 196 29.39 -0.51 -19.73
C VAL A 196 28.11 -1.33 -19.96
N TYR A 197 27.41 -1.64 -18.87
CA TYR A 197 26.12 -2.32 -18.93
C TYR A 197 25.11 -1.45 -18.21
N ALA A 198 23.95 -1.23 -18.83
CA ALA A 198 22.98 -0.29 -18.29
C ALA A 198 21.57 -0.76 -18.62
N CYS A 199 20.65 -0.57 -17.68
CA CYS A 199 19.22 -0.73 -17.94
C CYS A 199 18.52 0.61 -17.74
N GLU A 200 17.61 0.93 -18.66
CA GLU A 200 16.84 2.17 -18.63
C GLU A 200 15.37 1.81 -18.52
N VAL A 201 14.72 2.25 -17.46
CA VAL A 201 13.35 1.87 -17.14
C VAL A 201 12.44 3.06 -17.43
N THR A 202 11.36 2.80 -18.16
CA THR A 202 10.31 3.77 -18.40
C THR A 202 9.06 3.34 -17.65
N HIS A 203 8.49 4.25 -16.87
CA HIS A 203 7.31 3.96 -16.05
C HIS A 203 6.65 5.29 -15.72
N GLN A 204 5.31 5.32 -15.82
CA GLN A 204 4.60 6.58 -15.65
C GLN A 204 4.73 7.15 -14.24
N GLY A 205 5.21 6.38 -13.28
CA GLY A 205 5.58 6.92 -11.99
C GLY A 205 6.88 7.68 -11.98
N LEU A 206 7.59 7.72 -13.10
CA LEU A 206 8.86 8.42 -13.23
C LEU A 206 8.69 9.58 -14.20
N SER A 207 9.10 10.78 -13.77
CA SER A 207 9.01 11.95 -14.65
C SER A 207 9.94 11.82 -15.84
N SER A 208 11.04 11.09 -15.69
CA SER A 208 11.97 10.79 -16.76
C SER A 208 12.48 9.37 -16.57
N PRO A 209 12.81 8.67 -17.65
CA PRO A 209 13.34 7.30 -17.51
C PRO A 209 14.60 7.29 -16.68
N VAL A 210 14.68 6.32 -15.76
CA VAL A 210 15.83 6.16 -14.89
C VAL A 210 16.76 5.10 -15.48
N THR A 211 18.06 5.36 -15.42
CA THR A 211 19.06 4.45 -15.94
C THR A 211 20.00 4.04 -14.81
N LYS A 212 20.12 2.74 -14.60
CA LYS A 212 21.11 2.18 -13.69
C LYS A 212 22.18 1.48 -14.51
N SER A 213 23.44 1.76 -14.20
CA SER A 213 24.55 1.25 -14.99
C SER A 213 25.66 0.78 -14.07
N PHE A 214 26.55 -0.04 -14.62
CA PHE A 214 27.80 -0.37 -13.94
C PHE A 214 28.90 -0.55 -14.97
N ASN A 215 30.12 -0.35 -14.52
CA ASN A 215 31.30 -0.39 -15.35
C ASN A 215 32.10 -1.65 -15.00
N ARG A 216 32.25 -2.55 -15.96
CA ARG A 216 32.93 -3.80 -15.69
C ARG A 216 34.43 -3.56 -15.51
N GLY A 217 34.99 -4.18 -14.48
CA GLY A 217 36.40 -4.00 -14.16
C GLY A 217 36.61 -3.11 -12.96
N ALA A 219 34.12 -2.69 -9.84
CA ALA A 219 32.95 -2.37 -10.65
C ALA A 219 32.36 -1.03 -10.24
N LEU A 220 32.48 -0.04 -11.12
CA LEU A 220 31.96 1.29 -10.85
C LEU A 220 30.47 1.32 -11.16
N GLU A 221 29.65 1.54 -10.13
CA GLU A 221 28.20 1.60 -10.28
C GLU A 221 27.78 3.04 -10.53
N VAL A 222 27.15 3.28 -11.67
CA VAL A 222 26.66 4.61 -12.01
C VAL A 222 25.14 4.56 -12.23
AS CAD B . -12.71 17.49 17.77
C1 CAD B . -13.04 19.17 16.82
C2 CAD B . -10.87 16.90 17.45
O1 CAD B . -12.94 17.74 19.49
O2 CAD B . -13.95 16.16 17.13
C1 EDO C . -14.27 -0.77 31.50
O1 EDO C . -15.17 0.11 30.82
C2 EDO C . -12.88 -0.64 30.91
O2 EDO C . -12.76 -1.45 29.74
C1 PEG D . -26.95 -12.79 20.89
O1 PEG D . -25.62 -12.40 20.59
C2 PEG D . -27.85 -11.60 21.08
O2 PEG D . -29.19 -12.05 21.27
C3 PEG D . -30.12 -10.97 21.30
C4 PEG D . -31.52 -11.51 21.36
O4 PEG D . -32.49 -10.48 21.32
C1 PGE E . -20.46 -14.00 18.98
O1 PGE E . -21.24 -13.75 17.82
C2 PGE E . -20.45 -12.76 19.84
O2 PGE E . -19.82 -11.70 19.15
C3 PGE E . -19.28 -10.71 20.00
C4 PGE E . -18.92 -9.49 19.19
O4 PGE E . -22.14 -7.39 17.66
C6 PGE E . -21.27 -6.77 18.59
C5 PGE E . -19.92 -7.45 18.55
O3 PGE E . -20.11 -8.83 18.81
C1 PGE F . -27.69 14.17 7.54
O1 PGE F . -27.78 15.38 8.28
C2 PGE F . -26.27 14.01 7.04
O2 PGE F . -25.44 13.63 8.13
C3 PGE F . -24.55 14.66 8.53
C4 PGE F . -23.47 14.04 9.42
O4 PGE F . -23.96 16.94 13.11
C6 PGE F . -23.05 16.47 12.13
C5 PGE F . -23.80 15.68 11.10
O3 PGE F . -22.89 15.06 10.20
#